data_9F1Y
#
_entry.id   9F1Y
#
_cell.length_a   101.284
_cell.length_b   53.455
_cell.length_c   71.840
_cell.angle_alpha   90.00
_cell.angle_beta   90.00
_cell.angle_gamma   90.00
#
_symmetry.space_group_name_H-M   'P 21 21 2'
#
loop_
_entity.id
_entity.type
_entity.pdbx_description
1 polymer 'Family 3 adenylate cyclase'
2 non-polymer 'FLAVIN-ADENINE DINUCLEOTIDE'
3 non-polymer 'CALCIUM ION'
4 water water
#
_entity_poly.entity_id   1
_entity_poly.type   'polypeptide(L)'
_entity_poly.pdbx_seq_one_letter_code
;MGSSHHHHHHSSGLVPRGSHMENLYFQGMKRLTYISKFSRPLSGDEIEAIGRISSQKNQQANVTGVLLCLDGIFFQILEG
EAEKIDRIYERILADERHTDILCLKSEVEVQERMFPDWSMQTINLDENTDFLIRPIKVLLQTLTESHRILEKYTQPSIFK
IISQGTNPLNIRPKAVEKIVFFSDIVSFSTFAEKLPVEEVVSVVNSYFSVCTAIITRQGGEVTKFIGDCVMAYFDGDCAD
QAIQASLDILMELEILRNSAPEGSPLRVLYSGIGLAKGKVIEGNIGSELKRDYTILGDAVNVAARLEALTRQLSQALVFS
SEVKNSATKSWNFIWLTDSELKGKSESIDIYSIDNEMTRKSSGGLEIARNIGHYLERVGDRQPSQIFGVKSLPL
;
_entity_poly.pdbx_strand_id   A
#
loop_
_chem_comp.id
_chem_comp.type
_chem_comp.name
_chem_comp.formula
CA non-polymer 'CALCIUM ION' 'Ca 2'
FAD non-polymer 'FLAVIN-ADENINE DINUCLEOTIDE' 'C27 H33 N9 O15 P2'
#
# COMPACT_ATOMS: atom_id res chain seq x y z
N GLY A 28 -10.82 -6.30 -28.31
CA GLY A 28 -11.75 -5.40 -27.64
C GLY A 28 -11.13 -4.02 -27.46
N MET A 29 -11.98 -2.98 -27.52
CA MET A 29 -11.53 -1.62 -27.25
C MET A 29 -11.51 -1.34 -25.76
N LYS A 30 -10.54 -0.55 -25.35
CA LYS A 30 -10.31 -0.16 -23.96
C LYS A 30 -10.29 1.35 -23.86
N ARG A 31 -10.79 1.89 -22.74
CA ARG A 31 -10.73 3.33 -22.49
C ARG A 31 -10.32 3.58 -21.06
N LEU A 32 -9.22 4.31 -20.87
CA LEU A 32 -8.67 4.65 -19.56
C LEU A 32 -8.85 6.13 -19.28
N THR A 33 -9.15 6.47 -18.04
CA THR A 33 -9.18 7.85 -17.58
C THR A 33 -8.25 7.98 -16.39
N TYR A 34 -7.39 8.99 -16.40
CA TYR A 34 -6.46 9.15 -15.29
C TYR A 34 -6.25 10.63 -15.00
N ILE A 35 -5.75 10.89 -13.80
CA ILE A 35 -5.33 12.21 -13.38
C ILE A 35 -3.92 12.10 -12.85
N SER A 36 -3.18 13.20 -12.95
CA SER A 36 -1.81 13.23 -12.51
C SER A 36 -1.46 14.66 -12.15
N LYS A 37 -0.24 14.84 -11.66
CA LYS A 37 0.25 16.12 -11.17
C LYS A 37 1.53 16.46 -11.89
N PHE A 38 1.71 17.74 -12.22
CA PHE A 38 2.98 18.18 -12.76
C PHE A 38 4.08 17.92 -11.74
N SER A 39 5.11 17.19 -12.13
CA SER A 39 6.25 17.00 -11.24
C SER A 39 7.28 18.13 -11.36
N ARG A 40 6.99 19.14 -12.15
CA ARG A 40 7.77 20.36 -12.30
C ARG A 40 6.95 21.34 -13.13
N PRO A 41 7.24 22.64 -13.04
CA PRO A 41 6.45 23.62 -13.83
C PRO A 41 6.56 23.36 -15.34
N LEU A 42 5.42 23.48 -16.03
CA LEU A 42 5.33 23.31 -17.47
C LEU A 42 4.60 24.49 -18.06
N SER A 43 5.15 25.07 -19.13
CA SER A 43 4.53 26.20 -19.79
C SER A 43 3.38 25.74 -20.68
N GLY A 44 2.59 26.70 -21.15
CA GLY A 44 1.52 26.38 -22.08
C GLY A 44 2.04 25.85 -23.41
N ASP A 45 3.13 26.45 -23.91
CA ASP A 45 3.76 25.93 -25.12
C ASP A 45 4.24 24.50 -24.91
N GLU A 46 4.79 24.19 -23.74
CA GLU A 46 5.27 22.84 -23.49
C GLU A 46 4.12 21.86 -23.38
N ILE A 47 3.00 22.28 -22.79
CA ILE A 47 1.81 21.42 -22.75
C ILE A 47 1.27 21.19 -24.15
N GLU A 48 1.25 22.25 -24.96
CA GLU A 48 0.76 22.20 -26.32
C GLU A 48 1.55 21.22 -27.17
N ALA A 49 2.88 21.20 -27.01
CA ALA A 49 3.70 20.27 -27.76
C ALA A 49 3.41 18.83 -27.37
N ILE A 50 3.28 18.57 -26.06
CA ILE A 50 2.91 17.23 -25.61
C ILE A 50 1.64 16.78 -26.33
N GLY A 51 0.65 17.66 -26.37
CA GLY A 51 -0.59 17.32 -27.03
C GLY A 51 -0.42 17.03 -28.50
N ARG A 52 0.36 17.87 -29.19
N ARG A 52 0.37 17.86 -29.19
CA ARG A 52 0.54 17.70 -30.63
CA ARG A 52 0.53 17.72 -30.63
C ARG A 52 1.34 16.44 -30.95
C ARG A 52 1.36 16.49 -30.97
N ILE A 53 2.38 16.18 -30.16
CA ILE A 53 3.15 14.95 -30.35
C ILE A 53 2.31 13.74 -29.97
N SER A 54 1.52 13.84 -28.89
CA SER A 54 0.59 12.75 -28.55
C SER A 54 -0.39 12.49 -29.69
N SER A 55 -0.90 13.55 -30.31
CA SER A 55 -1.80 13.35 -31.44
C SER A 55 -1.10 12.59 -32.57
N GLN A 56 0.12 12.98 -32.90
CA GLN A 56 0.84 12.30 -33.97
CA GLN A 56 0.84 12.30 -33.97
C GLN A 56 1.00 10.81 -33.68
N LYS A 57 1.46 10.48 -32.47
CA LYS A 57 1.66 9.09 -32.11
C LYS A 57 0.34 8.32 -32.03
N ASN A 58 -0.68 8.91 -31.41
CA ASN A 58 -1.94 8.18 -31.29
C ASN A 58 -2.59 7.93 -32.64
N GLN A 59 -2.45 8.89 -33.58
CA GLN A 59 -2.96 8.66 -34.93
C GLN A 59 -2.35 7.42 -35.55
N GLN A 60 -1.03 7.23 -35.35
CA GLN A 60 -0.38 6.04 -35.91
C GLN A 60 -0.84 4.76 -35.20
N ALA A 61 -1.33 4.86 -33.96
CA ALA A 61 -1.81 3.71 -33.19
C ALA A 61 -3.32 3.52 -33.30
N ASN A 62 -4.01 4.42 -33.97
CA ASN A 62 -5.47 4.39 -34.05
C ASN A 62 -6.07 4.51 -32.64
N VAL A 63 -5.49 5.42 -31.86
CA VAL A 63 -5.91 5.73 -30.51
C VAL A 63 -6.46 7.16 -30.48
N THR A 64 -7.50 7.39 -29.67
CA THR A 64 -8.12 8.72 -29.61
C THR A 64 -8.26 9.16 -28.15
N GLY A 65 -8.56 10.44 -27.95
CA GLY A 65 -8.81 10.90 -26.59
C GLY A 65 -8.60 12.41 -26.44
N VAL A 66 -8.43 12.82 -25.19
CA VAL A 66 -8.41 14.24 -24.83
C VAL A 66 -7.49 14.43 -23.64
N LEU A 67 -6.72 15.51 -23.67
CA LEU A 67 -5.81 15.89 -22.59
C LEU A 67 -6.15 17.30 -22.12
N LEU A 68 -6.39 17.45 -20.82
CA LEU A 68 -6.72 18.74 -20.23
C LEU A 68 -5.77 19.02 -19.08
N CYS A 69 -5.42 20.29 -18.91
CA CYS A 69 -4.58 20.67 -17.80
C CYS A 69 -5.29 21.78 -17.04
N LEU A 70 -5.06 21.81 -15.73
CA LEU A 70 -5.63 22.87 -14.89
C LEU A 70 -4.76 22.98 -13.65
N ASP A 71 -4.03 24.09 -13.54
CA ASP A 71 -3.29 24.43 -12.31
C ASP A 71 -2.36 23.28 -11.86
N GLY A 72 -1.57 22.76 -12.81
CA GLY A 72 -0.60 21.72 -12.48
C GLY A 72 -1.20 20.35 -12.34
N ILE A 73 -2.40 20.14 -12.85
CA ILE A 73 -3.06 18.84 -12.91
C ILE A 73 -3.23 18.47 -14.36
N PHE A 74 -2.93 17.23 -14.71
CA PHE A 74 -3.30 16.68 -16.01
C PHE A 74 -4.52 15.79 -15.83
N PHE A 75 -5.44 15.86 -16.79
CA PHE A 75 -6.51 14.88 -16.95
C PHE A 75 -6.38 14.33 -18.37
N GLN A 76 -6.47 13.01 -18.51
CA GLN A 76 -6.47 12.44 -19.85
C GLN A 76 -7.41 11.26 -19.93
N ILE A 77 -8.11 11.17 -21.06
CA ILE A 77 -8.87 9.99 -21.47
C ILE A 77 -8.19 9.41 -22.70
N LEU A 78 -7.92 8.12 -22.69
CA LEU A 78 -7.33 7.40 -23.83
C LEU A 78 -8.22 6.24 -24.23
N GLU A 79 -8.49 6.09 -25.52
CA GLU A 79 -9.30 4.98 -25.99
C GLU A 79 -8.72 4.37 -27.26
N GLY A 80 -8.84 3.05 -27.37
CA GLY A 80 -8.31 2.33 -28.50
C GLY A 80 -8.22 0.85 -28.18
N GLU A 81 -7.53 0.13 -29.06
CA GLU A 81 -7.32 -1.30 -28.87
C GLU A 81 -6.55 -1.55 -27.57
N ALA A 82 -7.02 -2.53 -26.80
CA ALA A 82 -6.51 -2.72 -25.43
C ALA A 82 -4.99 -2.87 -25.39
N GLU A 83 -4.43 -3.71 -26.27
CA GLU A 83 -2.99 -3.89 -26.31
C GLU A 83 -2.27 -2.58 -26.59
N LYS A 84 -2.75 -1.80 -27.55
CA LYS A 84 -2.12 -0.52 -27.84
C LYS A 84 -2.29 0.46 -26.68
N ILE A 85 -3.46 0.47 -26.05
CA ILE A 85 -3.68 1.38 -24.92
C ILE A 85 -2.66 1.12 -23.83
N ASP A 86 -2.43 -0.16 -23.50
CA ASP A 86 -1.52 -0.48 -22.38
C ASP A 86 -0.08 -0.08 -22.71
N ARG A 87 0.36 -0.29 -23.95
CA ARG A 87 1.69 0.15 -24.35
C ARG A 87 1.87 1.64 -24.09
N ILE A 88 0.89 2.43 -24.54
CA ILE A 88 0.98 3.89 -24.37
C ILE A 88 0.93 4.24 -22.89
N TYR A 89 0.06 3.57 -22.14
CA TYR A 89 -0.09 3.96 -20.74
C TYR A 89 1.14 3.59 -19.95
N GLU A 90 1.76 2.46 -20.28
CA GLU A 90 3.07 2.12 -19.72
C GLU A 90 4.07 3.24 -19.96
N ARG A 91 4.11 3.76 -21.19
CA ARG A 91 5.01 4.87 -21.49
C ARG A 91 4.65 6.11 -20.70
N ILE A 92 3.34 6.42 -20.62
CA ILE A 92 2.87 7.57 -19.87
C ILE A 92 3.28 7.46 -18.40
N LEU A 93 3.07 6.29 -17.80
CA LEU A 93 3.48 6.08 -16.41
C LEU A 93 4.94 6.46 -16.17
N ALA A 94 5.81 6.15 -17.15
CA ALA A 94 7.25 6.39 -17.06
C ALA A 94 7.66 7.82 -17.38
N ASP A 95 6.77 8.66 -17.93
CA ASP A 95 7.15 10.02 -18.29
C ASP A 95 7.48 10.84 -17.03
N GLU A 96 8.69 11.39 -16.99
CA GLU A 96 9.17 12.11 -15.81
C GLU A 96 8.39 13.39 -15.55
N ARG A 97 7.68 13.90 -16.54
CA ARG A 97 7.09 15.22 -16.46
C ARG A 97 5.82 15.27 -15.61
N HIS A 98 5.31 14.13 -15.16
CA HIS A 98 4.23 14.16 -14.19
C HIS A 98 4.37 13.00 -13.20
N THR A 99 3.65 13.11 -12.09
CA THR A 99 3.72 12.20 -10.96
C THR A 99 2.33 11.95 -10.39
N ASP A 100 2.28 11.01 -9.45
CA ASP A 100 1.07 10.63 -8.75
C ASP A 100 -0.06 10.31 -9.71
N ILE A 101 0.24 9.45 -10.68
CA ILE A 101 -0.72 9.10 -11.72
C ILE A 101 -1.72 8.09 -11.18
N LEU A 102 -3.00 8.49 -11.15
CA LEU A 102 -4.09 7.68 -10.62
C LEU A 102 -5.14 7.42 -11.70
N CYS A 103 -5.33 6.15 -12.06
CA CYS A 103 -6.38 5.75 -13.00
C CYS A 103 -7.73 5.75 -12.32
N LEU A 104 -8.62 6.66 -12.73
CA LEU A 104 -9.96 6.74 -12.14
C LEU A 104 -10.91 5.70 -12.70
N LYS A 105 -10.76 5.34 -13.96
CA LYS A 105 -11.71 4.45 -14.61
C LYS A 105 -10.99 3.68 -15.69
N SER A 106 -11.32 2.40 -15.81
CA SER A 106 -10.76 1.56 -16.86
C SER A 106 -11.89 0.76 -17.47
N GLU A 107 -12.29 1.10 -18.69
CA GLU A 107 -13.37 0.41 -19.39
C GLU A 107 -12.81 -0.60 -20.37
N VAL A 108 -13.41 -1.78 -20.40
CA VAL A 108 -13.05 -2.83 -21.34
C VAL A 108 -14.27 -3.12 -22.20
N GLU A 109 -14.03 -3.83 -23.31
CA GLU A 109 -15.07 -4.17 -24.27
C GLU A 109 -15.93 -2.95 -24.59
N VAL A 110 -15.27 -1.86 -24.96
CA VAL A 110 -15.96 -0.61 -25.23
C VAL A 110 -16.58 -0.68 -26.62
N GLN A 111 -17.86 -0.31 -26.72
CA GLN A 111 -18.56 -0.45 -28.00
C GLN A 111 -18.21 0.65 -29.00
N GLU A 112 -18.10 1.90 -28.55
CA GLU A 112 -17.76 2.97 -29.48
C GLU A 112 -16.93 4.03 -28.78
N ARG A 113 -16.19 4.79 -29.58
CA ARG A 113 -15.30 5.83 -29.09
C ARG A 113 -16.08 7.05 -28.62
N MET A 114 -15.57 7.71 -27.59
CA MET A 114 -16.12 9.00 -27.20
C MET A 114 -15.57 10.13 -28.06
N PHE A 115 -14.34 9.99 -28.55
CA PHE A 115 -13.62 11.07 -29.21
C PHE A 115 -13.08 10.61 -30.56
N PRO A 116 -13.94 10.12 -31.44
CA PRO A 116 -13.44 9.42 -32.66
C PRO A 116 -12.56 10.28 -33.57
N ASP A 117 -12.76 11.61 -33.59
CA ASP A 117 -11.96 12.45 -34.47
C ASP A 117 -10.79 13.10 -33.76
N TRP A 118 -10.51 12.74 -32.51
CA TRP A 118 -9.44 13.36 -31.74
C TRP A 118 -8.36 12.32 -31.48
N SER A 119 -7.33 12.25 -32.33
CA SER A 119 -6.20 11.42 -31.98
C SER A 119 -5.64 11.84 -30.62
N MET A 120 -5.44 13.14 -30.42
CA MET A 120 -5.33 13.70 -29.08
C MET A 120 -5.75 15.16 -29.16
N GLN A 121 -6.84 15.53 -28.48
CA GLN A 121 -7.25 16.93 -28.39
C GLN A 121 -6.76 17.50 -27.08
N THR A 122 -6.17 18.68 -27.13
CA THR A 122 -5.56 19.31 -25.97
C THR A 122 -6.35 20.54 -25.56
N ILE A 123 -6.70 20.62 -24.28
CA ILE A 123 -7.56 21.67 -23.76
C ILE A 123 -6.87 22.24 -22.53
N ASN A 124 -6.21 23.39 -22.69
CA ASN A 124 -5.56 24.07 -21.57
C ASN A 124 -6.61 24.92 -20.86
N LEU A 125 -7.03 24.47 -19.67
CA LEU A 125 -8.05 25.20 -18.94
C LEU A 125 -7.51 26.46 -18.29
N ASP A 126 -6.22 26.50 -17.95
CA ASP A 126 -5.65 27.73 -17.40
C ASP A 126 -5.90 28.89 -18.32
N GLU A 127 -5.69 28.69 -19.61
CA GLU A 127 -5.86 29.75 -20.60
C GLU A 127 -7.31 29.95 -21.01
N ASN A 128 -8.21 29.06 -20.63
CA ASN A 128 -9.60 29.24 -21.06
C ASN A 128 -10.27 30.28 -20.18
N THR A 129 -10.98 31.22 -20.80
CA THR A 129 -11.70 32.28 -20.09
C THR A 129 -13.19 32.30 -20.42
N ASP A 130 -13.71 31.21 -20.96
CA ASP A 130 -15.12 31.18 -21.36
C ASP A 130 -16.01 31.29 -20.13
N PHE A 131 -17.11 32.01 -20.32
CA PHE A 131 -18.03 32.37 -19.23
C PHE A 131 -18.49 31.16 -18.43
N LEU A 132 -18.98 30.13 -19.11
CA LEU A 132 -19.53 28.98 -18.41
C LEU A 132 -18.43 28.05 -17.90
N ILE A 133 -17.28 28.02 -18.57
CA ILE A 133 -16.20 27.13 -18.12
C ILE A 133 -15.56 27.60 -16.81
N ARG A 134 -15.66 28.89 -16.46
CA ARG A 134 -15.02 29.35 -15.22
C ARG A 134 -15.52 28.62 -13.98
N PRO A 135 -16.82 28.52 -13.68
CA PRO A 135 -17.23 27.75 -12.48
C PRO A 135 -16.97 26.26 -12.61
N ILE A 136 -16.97 25.74 -13.84
CA ILE A 136 -16.63 24.33 -14.03
C ILE A 136 -15.18 24.08 -13.61
N LYS A 137 -14.28 25.01 -13.92
CA LYS A 137 -12.88 24.86 -13.50
C LYS A 137 -12.76 24.80 -11.99
N VAL A 138 -13.47 25.68 -11.28
CA VAL A 138 -13.39 25.67 -9.82
C VAL A 138 -13.86 24.33 -9.27
N LEU A 139 -14.95 23.79 -9.85
CA LEU A 139 -15.50 22.50 -9.43
C LEU A 139 -14.56 21.35 -9.77
N LEU A 140 -14.02 21.33 -10.99
CA LEU A 140 -12.98 20.37 -11.35
C LEU A 140 -11.85 20.40 -10.33
N GLN A 141 -11.35 21.59 -10.00
CA GLN A 141 -10.24 21.67 -9.06
C GLN A 141 -10.64 21.10 -7.71
N THR A 142 -11.82 21.49 -7.22
CA THR A 142 -12.26 21.07 -5.90
C THR A 142 -12.48 19.56 -5.84
N LEU A 143 -13.09 18.98 -6.89
CA LEU A 143 -13.31 17.53 -6.91
C LEU A 143 -12.00 16.77 -6.92
N THR A 144 -10.99 17.31 -7.62
CA THR A 144 -9.70 16.67 -7.72
C THR A 144 -8.95 16.72 -6.40
N GLU A 145 -8.92 17.90 -5.76
CA GLU A 145 -8.29 18.01 -4.44
C GLU A 145 -8.98 17.11 -3.43
N SER A 146 -10.31 17.08 -3.43
CA SER A 146 -11.04 16.19 -2.54
C SER A 146 -10.65 14.75 -2.82
N HIS A 147 -10.67 14.36 -4.09
CA HIS A 147 -10.29 13.01 -4.48
C HIS A 147 -8.89 12.64 -3.99
N ARG A 148 -7.98 13.61 -3.97
CA ARG A 148 -6.61 13.34 -3.50
C ARG A 148 -6.57 13.13 -1.99
N ILE A 149 -7.39 13.87 -1.24
CA ILE A 149 -7.54 13.61 0.18
C ILE A 149 -7.99 12.18 0.41
N LEU A 150 -9.13 11.82 -0.20
CA LEU A 150 -9.71 10.49 -0.04
C LEU A 150 -8.73 9.39 -0.40
N GLU A 151 -7.82 9.66 -1.34
CA GLU A 151 -6.87 8.66 -1.79
C GLU A 151 -5.88 8.28 -0.69
N LYS A 152 -5.55 9.23 0.19
CA LYS A 152 -4.67 8.93 1.32
C LYS A 152 -5.35 8.06 2.37
N TYR A 153 -6.68 8.07 2.41
CA TYR A 153 -7.45 7.42 3.46
C TYR A 153 -8.14 6.14 2.98
N THR A 154 -7.78 5.64 1.80
CA THR A 154 -8.25 4.34 1.29
C THR A 154 -7.06 3.46 0.94
N GLN A 155 -7.32 2.14 0.92
CA GLN A 155 -6.25 1.21 0.56
C GLN A 155 -5.95 1.31 -0.94
N PRO A 156 -4.67 1.30 -1.33
CA PRO A 156 -4.33 1.27 -2.76
C PRO A 156 -4.77 0.00 -3.48
N SER A 157 -5.31 -0.99 -2.76
CA SER A 157 -5.84 -2.17 -3.44
C SER A 157 -7.19 -1.92 -4.08
N ILE A 158 -7.96 -0.93 -3.60
CA ILE A 158 -9.20 -0.57 -4.29
C ILE A 158 -8.90 0.10 -5.63
N PHE A 159 -7.84 0.91 -5.68
CA PHE A 159 -7.43 1.50 -6.96
C PHE A 159 -6.88 0.45 -7.90
N LYS A 160 -6.20 -0.57 -7.37
CA LYS A 160 -5.72 -1.66 -8.20
C LYS A 160 -6.90 -2.39 -8.84
N ILE A 161 -7.95 -2.67 -8.06
CA ILE A 161 -9.17 -3.24 -8.61
C ILE A 161 -9.74 -2.33 -9.68
N ILE A 162 -9.68 -1.02 -9.46
CA ILE A 162 -10.28 -0.07 -10.41
C ILE A 162 -9.49 -0.03 -11.71
N SER A 163 -8.17 0.05 -11.60
CA SER A 163 -7.29 0.06 -12.79
C SER A 163 -7.45 -1.19 -13.63
N GLN A 164 -7.92 -2.29 -13.04
CA GLN A 164 -8.13 -3.54 -13.76
C GLN A 164 -9.48 -3.58 -14.48
N GLY A 165 -10.30 -2.54 -14.34
CA GLY A 165 -11.54 -2.48 -15.07
C GLY A 165 -12.75 -3.05 -14.37
N THR A 166 -12.72 -3.13 -13.03
CA THR A 166 -13.80 -3.74 -12.27
C THR A 166 -14.17 -2.83 -11.09
N ASN A 167 -15.47 -2.61 -10.91
CA ASN A 167 -15.95 -1.84 -9.78
C ASN A 167 -15.74 -2.66 -8.51
N PRO A 168 -14.96 -2.18 -7.54
CA PRO A 168 -14.79 -2.94 -6.28
C PRO A 168 -16.11 -3.28 -5.58
N LEU A 169 -17.16 -2.46 -5.74
CA LEU A 169 -18.46 -2.80 -5.19
C LEU A 169 -19.10 -4.00 -5.88
N ASN A 170 -18.56 -4.45 -7.01
CA ASN A 170 -19.12 -5.56 -7.77
C ASN A 170 -18.38 -6.87 -7.61
N ILE A 171 -17.29 -6.89 -6.83
CA ILE A 171 -16.57 -8.13 -6.58
C ILE A 171 -17.49 -9.15 -5.90
N ARG A 172 -17.57 -10.40 -6.49
CA ARG A 172 -18.34 -11.51 -5.93
C ARG A 172 -17.49 -12.29 -4.94
N PRO A 173 -18.13 -12.90 -3.94
CA PRO A 173 -17.36 -13.49 -2.82
C PRO A 173 -16.45 -14.63 -3.23
N LYS A 174 -15.25 -14.66 -2.66
CA LYS A 174 -14.22 -15.66 -2.92
C LYS A 174 -13.44 -15.95 -1.64
N ALA A 175 -13.19 -17.23 -1.36
CA ALA A 175 -12.28 -17.62 -0.30
C ALA A 175 -10.90 -17.80 -0.89
N VAL A 176 -9.90 -17.15 -0.29
CA VAL A 176 -8.53 -17.21 -0.77
CA VAL A 176 -8.52 -17.18 -0.78
C VAL A 176 -7.60 -17.38 0.42
N GLU A 177 -6.66 -18.30 0.31
CA GLU A 177 -5.67 -18.46 1.36
C GLU A 177 -4.58 -17.42 1.20
N LYS A 178 -4.26 -16.72 2.27
CA LYS A 178 -3.21 -15.72 2.27
C LYS A 178 -2.24 -16.00 3.40
N ILE A 179 -1.03 -15.47 3.23
CA ILE A 179 -0.12 -15.32 4.35
C ILE A 179 -0.50 -14.03 5.04
N VAL A 180 -0.80 -14.10 6.33
CA VAL A 180 -1.17 -12.92 7.09
C VAL A 180 -0.01 -12.47 7.96
N PHE A 181 0.29 -11.18 7.91
CA PHE A 181 1.39 -10.52 8.60
C PHE A 181 0.78 -9.63 9.69
N PHE A 182 1.26 -9.79 10.92
CA PHE A 182 0.93 -8.90 12.03
C PHE A 182 2.23 -8.47 12.69
N SER A 183 2.46 -7.17 12.75
CA SER A 183 3.56 -6.64 13.54
C SER A 183 3.00 -5.63 14.54
N ASP A 184 3.71 -5.44 15.66
CA ASP A 184 3.30 -4.39 16.58
C ASP A 184 4.53 -3.79 17.25
N ILE A 185 4.32 -2.77 18.05
CA ILE A 185 5.40 -2.01 18.66
C ILE A 185 5.60 -2.52 20.07
N VAL A 186 6.83 -2.90 20.41
CA VAL A 186 7.09 -3.43 21.75
C VAL A 186 6.85 -2.32 22.77
N SER A 187 6.04 -2.61 23.77
CA SER A 187 5.85 -1.71 24.90
C SER A 187 5.33 -0.36 24.42
N PHE A 188 4.41 -0.38 23.47
CA PHE A 188 3.91 0.87 22.92
C PHE A 188 3.29 1.78 23.98
N SER A 189 2.64 1.20 24.99
CA SER A 189 1.99 2.01 26.01
C SER A 189 2.97 2.89 26.75
N THR A 190 4.25 2.47 26.84
CA THR A 190 5.26 3.31 27.49
C THR A 190 5.50 4.61 26.74
N PHE A 191 5.52 4.56 25.40
CA PHE A 191 5.65 5.80 24.64
C PHE A 191 4.54 6.77 25.01
N ALA A 192 3.28 6.33 24.91
CA ALA A 192 2.15 7.18 25.21
C ALA A 192 2.22 7.73 26.63
N GLU A 193 2.72 6.92 27.57
CA GLU A 193 2.77 7.36 28.95
C GLU A 193 3.91 8.34 29.22
N LYS A 194 5.00 8.29 28.45
CA LYS A 194 6.17 9.07 28.79
C LYS A 194 6.45 10.24 27.87
N LEU A 195 5.85 10.27 26.69
CA LEU A 195 6.20 11.29 25.72
C LEU A 195 5.00 12.19 25.45
N PRO A 196 5.24 13.45 25.09
CA PRO A 196 4.15 14.26 24.57
C PRO A 196 3.55 13.61 23.33
N VAL A 197 2.26 13.87 23.15
CA VAL A 197 1.47 13.16 22.16
C VAL A 197 1.99 13.37 20.75
N GLU A 198 2.53 14.55 20.44
CA GLU A 198 3.05 14.79 19.09
C GLU A 198 4.24 13.88 18.79
N GLU A 199 4.99 13.51 19.83
CA GLU A 199 6.16 12.65 19.65
C GLU A 199 5.78 11.17 19.52
N VAL A 200 4.72 10.74 20.21
CA VAL A 200 4.14 9.42 19.97
C VAL A 200 3.71 9.27 18.53
N VAL A 201 2.95 10.26 18.03
CA VAL A 201 2.54 10.22 16.64
C VAL A 201 3.77 10.12 15.74
N SER A 202 4.82 10.89 16.03
CA SER A 202 6.00 10.84 15.18
C SER A 202 6.59 9.44 15.16
N VAL A 203 6.67 8.78 16.32
CA VAL A 203 7.22 7.43 16.38
C VAL A 203 6.34 6.44 15.61
N VAL A 204 5.01 6.47 15.83
CA VAL A 204 4.20 5.46 15.16
C VAL A 204 4.24 5.68 13.66
N ASN A 205 4.31 6.93 13.21
CA ASN A 205 4.41 7.21 11.78
C ASN A 205 5.70 6.67 11.20
N SER A 206 6.82 6.86 11.91
CA SER A 206 8.08 6.29 11.44
C SER A 206 7.97 4.78 11.32
N TYR A 207 7.28 4.16 12.29
CA TYR A 207 7.09 2.71 12.29
C TYR A 207 6.21 2.28 11.15
N PHE A 208 5.03 2.89 11.02
CA PHE A 208 4.13 2.51 9.92
C PHE A 208 4.80 2.73 8.57
N SER A 209 5.64 3.75 8.44
CA SER A 209 6.27 4.01 7.14
C SER A 209 7.25 2.90 6.78
N VAL A 210 8.07 2.47 7.75
CA VAL A 210 9.06 1.42 7.50
C VAL A 210 8.36 0.15 7.09
N CYS A 211 7.33 -0.25 7.84
CA CYS A 211 6.62 -1.49 7.56
C CYS A 211 5.98 -1.43 6.20
N THR A 212 5.24 -0.34 5.92
CA THR A 212 4.46 -0.26 4.69
C THR A 212 5.33 -0.30 3.44
N ALA A 213 6.45 0.44 3.45
CA ALA A 213 7.35 0.46 2.29
C ALA A 213 7.93 -0.91 2.01
N ILE A 214 8.36 -1.63 3.05
CA ILE A 214 9.00 -2.92 2.84
C ILE A 214 7.98 -3.98 2.42
N ILE A 215 6.80 -4.01 3.06
CA ILE A 215 5.76 -4.97 2.68
C ILE A 215 5.37 -4.77 1.22
N THR A 216 5.19 -3.51 0.81
CA THR A 216 4.83 -3.22 -0.58
C THR A 216 5.95 -3.61 -1.53
N ARG A 217 7.20 -3.26 -1.18
CA ARG A 217 8.33 -3.68 -2.00
C ARG A 217 8.32 -5.19 -2.21
N GLN A 218 7.90 -5.95 -1.20
CA GLN A 218 7.97 -7.40 -1.25
C GLN A 218 6.71 -8.03 -1.83
N GLY A 219 5.80 -7.22 -2.35
CA GLY A 219 4.62 -7.71 -3.02
C GLY A 219 3.44 -7.99 -2.14
N GLY A 220 3.50 -7.63 -0.87
CA GLY A 220 2.35 -7.73 0.00
C GLY A 220 1.56 -6.45 -0.01
N GLU A 221 0.46 -6.45 0.73
CA GLU A 221 -0.32 -5.23 0.85
C GLU A 221 -0.78 -5.06 2.29
N VAL A 222 -0.63 -3.85 2.81
CA VAL A 222 -1.14 -3.52 4.14
C VAL A 222 -2.65 -3.35 4.05
N THR A 223 -3.40 -4.07 4.87
CA THR A 223 -4.85 -3.95 4.85
C THR A 223 -5.39 -3.02 5.92
N LYS A 224 -4.75 -2.95 7.07
CA LYS A 224 -5.18 -1.97 8.06
C LYS A 224 -4.17 -1.89 9.19
N PHE A 225 -4.27 -0.79 9.92
CA PHE A 225 -3.63 -0.63 11.21
C PHE A 225 -4.68 -0.89 12.29
N ILE A 226 -4.33 -1.73 13.25
CA ILE A 226 -5.16 -1.97 14.43
C ILE A 226 -4.35 -1.45 15.61
N GLY A 227 -4.65 -0.24 16.06
CA GLY A 227 -3.76 0.41 17.00
C GLY A 227 -2.35 0.47 16.42
N ASP A 228 -1.36 0.08 17.22
CA ASP A 228 0.03 0.03 16.74
C ASP A 228 0.32 -1.22 15.94
N CYS A 229 -0.68 -2.04 15.65
CA CYS A 229 -0.47 -3.26 14.89
C CYS A 229 -0.68 -3.04 13.40
N VAL A 230 0.30 -3.46 12.61
CA VAL A 230 0.23 -3.47 11.15
C VAL A 230 -0.26 -4.84 10.70
N MET A 231 -1.35 -4.87 9.95
CA MET A 231 -1.91 -6.10 9.38
C MET A 231 -1.74 -6.11 7.87
N ALA A 232 -1.24 -7.21 7.31
CA ALA A 232 -0.94 -7.25 5.89
C ALA A 232 -1.15 -8.65 5.35
N TYR A 233 -1.35 -8.72 4.06
CA TYR A 233 -1.53 -9.98 3.36
C TYR A 233 -0.41 -10.15 2.36
N PHE A 234 0.03 -11.38 2.21
CA PHE A 234 0.82 -11.84 1.08
C PHE A 234 0.01 -12.95 0.42
N ASP A 235 0.20 -13.14 -0.90
CA ASP A 235 -0.42 -14.27 -1.59
C ASP A 235 -0.05 -15.57 -0.88
N GLY A 236 -0.94 -16.57 -0.96
CA GLY A 236 -0.74 -17.79 -0.20
C GLY A 236 0.53 -18.54 -0.57
N ASP A 237 1.06 -18.33 -1.77
CA ASP A 237 2.28 -18.98 -2.20
C ASP A 237 3.51 -18.09 -2.04
N CYS A 238 3.39 -16.95 -1.35
CA CYS A 238 4.51 -16.01 -1.23
C CYS A 238 5.07 -15.93 0.18
N ALA A 239 5.16 -17.07 0.87
CA ALA A 239 5.72 -17.08 2.22
C ALA A 239 7.15 -16.59 2.23
N ASP A 240 7.92 -16.94 1.19
CA ASP A 240 9.31 -16.50 1.11
C ASP A 240 9.40 -14.97 1.16
N GLN A 241 8.46 -14.30 0.47
CA GLN A 241 8.45 -12.84 0.45
C GLN A 241 8.03 -12.26 1.79
N ALA A 242 7.05 -12.91 2.43
CA ALA A 242 6.63 -12.45 3.76
C ALA A 242 7.77 -12.60 4.78
N ILE A 243 8.53 -13.69 4.70
CA ILE A 243 9.67 -13.84 5.60
C ILE A 243 10.74 -12.80 5.30
N GLN A 244 11.04 -12.59 4.02
CA GLN A 244 12.04 -11.59 3.66
C GLN A 244 11.60 -10.21 4.12
N ALA A 245 10.32 -9.88 3.89
CA ALA A 245 9.81 -8.59 4.37
C ALA A 245 9.99 -8.46 5.86
N SER A 246 9.71 -9.51 6.63
CA SER A 246 9.87 -9.44 8.08
C SER A 246 11.31 -9.18 8.48
N LEU A 247 12.24 -9.93 7.87
CA LEU A 247 13.65 -9.72 8.18
C LEU A 247 14.09 -8.31 7.80
N ASP A 248 13.66 -7.84 6.61
CA ASP A 248 14.06 -6.51 6.17
C ASP A 248 13.53 -5.44 7.13
N ILE A 249 12.31 -5.61 7.63
CA ILE A 249 11.77 -4.64 8.58
C ILE A 249 12.62 -4.63 9.85
N LEU A 250 12.96 -5.80 10.37
CA LEU A 250 13.76 -5.87 11.57
C LEU A 250 15.12 -5.24 11.33
N MET A 251 15.73 -5.53 10.17
CA MET A 251 17.01 -4.92 9.83
CA MET A 251 17.01 -4.93 9.84
C MET A 251 16.92 -3.40 9.79
N GLU A 252 15.85 -2.88 9.17
CA GLU A 252 15.73 -1.43 9.03
C GLU A 252 15.44 -0.77 10.37
N LEU A 253 14.70 -1.44 11.26
CA LEU A 253 14.46 -0.83 12.55
C LEU A 253 15.75 -0.82 13.39
N GLU A 254 16.59 -1.83 13.28
CA GLU A 254 17.89 -1.79 13.95
C GLU A 254 18.72 -0.62 13.44
N ILE A 255 18.76 -0.42 12.12
CA ILE A 255 19.49 0.72 11.57
C ILE A 255 18.88 2.02 12.05
N LEU A 256 17.54 2.10 12.07
CA LEU A 256 16.86 3.30 12.57
C LEU A 256 17.23 3.59 14.03
N ARG A 257 17.18 2.56 14.90
CA ARG A 257 17.58 2.76 16.29
C ARG A 257 19.03 3.26 16.39
N ASN A 258 19.93 2.63 15.64
CA ASN A 258 21.34 2.94 15.81
C ASN A 258 21.65 4.35 15.33
N SER A 259 20.91 4.84 14.33
CA SER A 259 21.31 6.04 13.62
C SER A 259 20.53 7.27 14.04
N ALA A 260 19.56 7.12 14.94
CA ALA A 260 18.75 8.23 15.39
C ALA A 260 19.57 9.24 16.19
N PRO A 261 19.11 10.49 16.26
CA PRO A 261 19.80 11.49 17.07
C PRO A 261 19.89 11.07 18.53
N GLU A 262 20.89 11.61 19.23
CA GLU A 262 20.98 11.36 20.66
C GLU A 262 19.65 11.71 21.34
N GLY A 263 19.19 10.84 22.22
CA GLY A 263 17.96 11.11 22.97
C GLY A 263 16.68 10.96 22.19
N SER A 264 16.73 10.48 20.94
CA SER A 264 15.54 10.32 20.12
C SER A 264 14.71 9.12 20.60
N PRO A 265 13.37 9.24 20.59
CA PRO A 265 12.55 8.08 20.96
C PRO A 265 12.71 6.92 20.02
N LEU A 266 13.11 7.17 18.76
CA LEU A 266 13.28 6.07 17.82
C LEU A 266 14.33 5.07 18.29
N ARG A 267 15.23 5.46 19.20
CA ARG A 267 16.23 4.51 19.67
C ARG A 267 15.62 3.31 20.40
N VAL A 268 14.39 3.41 20.88
CA VAL A 268 13.78 2.28 21.58
C VAL A 268 12.52 1.81 20.88
N LEU A 269 12.46 2.06 19.57
CA LEU A 269 11.40 1.52 18.74
C LEU A 269 11.77 0.10 18.30
N TYR A 270 11.05 -0.87 18.81
CA TYR A 270 11.26 -2.28 18.53
C TYR A 270 9.96 -2.88 18.01
N SER A 271 10.07 -3.87 17.15
CA SER A 271 8.87 -4.53 16.67
C SER A 271 8.87 -6.02 16.99
N GLY A 272 7.67 -6.58 17.20
CA GLY A 272 7.45 -8.01 17.10
C GLY A 272 6.71 -8.29 15.80
N ILE A 273 6.97 -9.44 15.17
CA ILE A 273 6.29 -9.76 13.92
C ILE A 273 5.82 -11.21 13.95
N GLY A 274 4.58 -11.44 13.55
CA GLY A 274 4.04 -12.80 13.48
C GLY A 274 3.47 -13.06 12.10
N LEU A 275 3.71 -14.27 11.59
CA LEU A 275 3.13 -14.67 10.31
C LEU A 275 2.31 -15.94 10.49
N ALA A 276 1.16 -15.99 9.83
CA ALA A 276 0.35 -17.20 9.81
C ALA A 276 -0.30 -17.29 8.44
N LYS A 277 -0.95 -18.43 8.16
CA LYS A 277 -1.84 -18.51 7.01
C LYS A 277 -3.28 -18.35 7.48
N GLY A 278 -4.07 -17.66 6.68
CA GLY A 278 -5.46 -17.43 7.02
C GLY A 278 -6.33 -17.58 5.79
N LYS A 279 -7.55 -18.03 6.02
CA LYS A 279 -8.54 -18.09 4.95
C LYS A 279 -9.26 -16.75 4.98
N VAL A 280 -8.98 -15.91 4.02
CA VAL A 280 -9.65 -14.64 3.96
C VAL A 280 -10.77 -14.76 2.95
N ILE A 281 -11.75 -13.88 3.07
CA ILE A 281 -12.86 -13.82 2.14
C ILE A 281 -12.78 -12.47 1.44
N GLU A 282 -12.71 -12.49 0.11
CA GLU A 282 -12.82 -11.30 -0.71
C GLU A 282 -14.28 -11.12 -1.13
N GLY A 283 -14.72 -9.86 -1.22
CA GLY A 283 -16.09 -9.57 -1.57
C GLY A 283 -16.44 -8.12 -1.29
N ASN A 284 -17.74 -7.81 -1.45
CA ASN A 284 -18.31 -6.52 -1.08
C ASN A 284 -18.87 -6.66 0.33
N ILE A 285 -18.05 -6.29 1.32
CA ILE A 285 -18.29 -6.62 2.72
C ILE A 285 -18.47 -5.32 3.50
N GLY A 286 -19.44 -5.30 4.39
CA GLY A 286 -19.57 -4.14 5.25
C GLY A 286 -20.99 -3.72 5.49
N SER A 287 -21.20 -2.44 5.78
CA SER A 287 -22.45 -1.96 6.36
C SER A 287 -23.27 -1.09 5.41
N GLU A 288 -22.92 -1.04 4.12
CA GLU A 288 -23.53 -0.09 3.17
C GLU A 288 -23.14 1.35 3.51
N LEU A 289 -23.11 1.70 4.79
CA LEU A 289 -22.37 2.87 5.23
C LEU A 289 -20.89 2.68 4.86
N LYS A 290 -20.22 1.73 5.51
CA LYS A 290 -18.80 1.47 5.33
C LYS A 290 -18.56 0.10 4.70
N ARG A 291 -17.67 0.05 3.71
CA ARG A 291 -17.41 -1.15 2.93
C ARG A 291 -15.93 -1.48 3.00
N ASP A 292 -15.61 -2.73 2.67
CA ASP A 292 -14.25 -3.18 2.45
C ASP A 292 -14.30 -4.35 1.50
N TYR A 293 -13.12 -4.73 1.02
CA TYR A 293 -12.97 -5.74 -0.01
C TYR A 293 -12.57 -7.10 0.59
N THR A 294 -12.21 -7.13 1.86
CA THR A 294 -11.69 -8.37 2.45
C THR A 294 -12.14 -8.49 3.91
N ILE A 295 -12.19 -9.74 4.38
CA ILE A 295 -12.41 -10.04 5.80
C ILE A 295 -11.62 -11.30 6.16
N LEU A 296 -10.89 -11.24 7.27
CA LEU A 296 -10.25 -12.40 7.89
C LEU A 296 -10.90 -12.63 9.24
N GLY A 297 -11.76 -13.65 9.33
CA GLY A 297 -12.42 -13.94 10.59
C GLY A 297 -11.41 -14.19 11.70
N ASP A 298 -11.69 -13.61 12.87
CA ASP A 298 -10.85 -13.84 14.07
C ASP A 298 -9.42 -13.33 13.88
N ALA A 299 -9.26 -12.30 13.04
CA ALA A 299 -8.00 -11.58 12.93
C ALA A 299 -7.55 -11.04 14.29
N VAL A 300 -8.50 -10.54 15.09
CA VAL A 300 -8.23 -10.07 16.46
C VAL A 300 -7.43 -11.10 17.25
N ASN A 301 -7.89 -12.35 17.19
CA ASN A 301 -7.32 -13.37 18.07
C ASN A 301 -6.00 -13.91 17.53
N VAL A 302 -5.86 -14.04 16.20
CA VAL A 302 -4.57 -14.42 15.63
C VAL A 302 -3.52 -13.35 15.95
N ALA A 303 -3.88 -12.07 15.81
CA ALA A 303 -2.93 -11.01 16.15
C ALA A 303 -2.55 -11.07 17.62
N ALA A 304 -3.55 -11.18 18.50
CA ALA A 304 -3.28 -11.22 19.93
C ALA A 304 -2.39 -12.40 20.30
N ARG A 305 -2.60 -13.56 19.68
CA ARG A 305 -1.80 -14.73 20.00
C ARG A 305 -0.38 -14.62 19.46
N LEU A 306 -0.21 -14.03 18.27
CA LEU A 306 1.12 -13.79 17.74
C LEU A 306 1.89 -12.80 18.61
N GLU A 307 1.22 -11.75 19.07
CA GLU A 307 1.87 -10.80 19.98
C GLU A 307 2.29 -11.48 21.27
N ALA A 308 1.46 -12.39 21.79
CA ALA A 308 1.85 -13.08 23.03
C ALA A 308 3.10 -13.89 22.80
N LEU A 309 3.26 -14.46 21.60
CA LEU A 309 4.42 -15.31 21.34
C LEU A 309 5.70 -14.48 21.18
N THR A 310 5.64 -13.34 20.50
CA THR A 310 6.87 -12.58 20.35
C THR A 310 7.34 -12.07 21.71
N ARG A 311 6.40 -11.67 22.58
CA ARG A 311 6.76 -11.27 23.95
C ARG A 311 7.33 -12.45 24.72
N GLN A 312 6.66 -13.60 24.65
CA GLN A 312 7.02 -14.74 25.47
C GLN A 312 8.34 -15.36 25.03
N LEU A 313 8.63 -15.35 23.74
CA LEU A 313 9.77 -16.07 23.20
C LEU A 313 11.02 -15.22 23.10
N SER A 314 10.94 -13.92 23.40
CA SER A 314 12.06 -13.01 23.18
C SER A 314 12.58 -13.17 21.75
N GLN A 315 11.64 -13.36 20.82
CA GLN A 315 12.00 -13.56 19.42
C GLN A 315 11.21 -12.57 18.60
N ALA A 316 11.90 -11.78 17.79
CA ALA A 316 11.21 -10.69 17.11
C ALA A 316 10.33 -11.19 15.98
N LEU A 317 10.57 -12.38 15.48
CA LEU A 317 9.85 -12.93 14.36
C LEU A 317 9.45 -14.35 14.71
N VAL A 318 8.15 -14.63 14.63
CA VAL A 318 7.62 -15.98 14.81
C VAL A 318 6.66 -16.26 13.66
N PHE A 319 6.59 -17.54 13.26
CA PHE A 319 5.60 -17.90 12.26
C PHE A 319 5.24 -19.36 12.44
N SER A 320 4.09 -19.71 11.90
CA SER A 320 3.50 -21.03 12.08
C SER A 320 4.14 -22.04 11.13
N SER A 321 3.92 -23.30 11.46
CA SER A 321 4.32 -24.43 10.62
C SER A 321 3.83 -24.29 9.20
N GLU A 322 2.56 -23.90 9.02
CA GLU A 322 2.03 -23.74 7.67
C GLU A 322 2.84 -22.73 6.87
N VAL A 323 3.23 -21.61 7.47
CA VAL A 323 4.07 -20.65 6.77
C VAL A 323 5.42 -21.28 6.46
N LYS A 324 6.04 -21.86 7.49
CA LYS A 324 7.38 -22.44 7.37
C LYS A 324 7.44 -23.45 6.25
N ASN A 325 6.43 -24.32 6.16
CA ASN A 325 6.42 -25.33 5.13
C ASN A 325 5.89 -24.84 3.79
N SER A 326 5.26 -23.65 3.74
CA SER A 326 4.97 -23.07 2.43
C SER A 326 6.19 -22.41 1.80
N ALA A 327 7.15 -21.99 2.60
CA ALA A 327 8.36 -21.39 2.06
C ALA A 327 9.07 -22.37 1.14
N THR A 328 9.72 -21.85 0.08
CA THR A 328 10.56 -22.68 -0.77
C THR A 328 12.05 -22.46 -0.58
N LYS A 329 12.47 -21.29 -0.14
CA LYS A 329 13.90 -21.05 -0.05
C LYS A 329 14.47 -21.71 1.20
N SER A 330 15.80 -21.84 1.22
CA SER A 330 16.45 -22.57 2.30
C SER A 330 16.75 -21.65 3.48
N TRP A 331 15.67 -21.19 4.11
CA TRP A 331 15.79 -20.36 5.30
C TRP A 331 16.40 -21.14 6.44
N ASN A 332 17.12 -20.44 7.32
CA ASN A 332 17.72 -21.06 8.50
C ASN A 332 16.69 -21.16 9.61
N PHE A 333 15.70 -22.04 9.39
CA PHE A 333 14.57 -22.22 10.29
C PHE A 333 15.03 -22.77 11.64
N ILE A 334 14.39 -22.32 12.71
CA ILE A 334 14.58 -22.93 14.03
C ILE A 334 13.21 -23.16 14.67
N TRP A 335 13.00 -24.35 15.22
CA TRP A 335 11.79 -24.65 15.97
C TRP A 335 11.90 -24.02 17.37
N LEU A 336 10.82 -23.34 17.81
CA LEU A 336 10.81 -22.64 19.09
C LEU A 336 9.90 -23.27 20.14
N THR A 337 8.65 -23.57 19.79
CA THR A 337 7.63 -24.00 20.75
C THR A 337 6.40 -24.40 19.95
N ASP A 338 5.43 -25.03 20.63
CA ASP A 338 4.04 -25.12 20.22
C ASP A 338 3.19 -23.99 20.78
N SER A 339 2.19 -23.60 20.00
CA SER A 339 1.18 -22.68 20.49
C SER A 339 -0.13 -23.00 19.78
N GLU A 340 -1.14 -22.21 20.07
CA GLU A 340 -2.39 -22.31 19.34
C GLU A 340 -2.67 -20.90 18.83
N LEU A 341 -3.03 -20.77 17.56
CA LEU A 341 -3.27 -19.46 17.00
C LEU A 341 -4.73 -19.22 16.61
N LYS A 342 -5.47 -20.27 16.27
CA LYS A 342 -6.77 -20.12 15.64
C LYS A 342 -7.94 -20.21 16.62
N GLY A 343 -7.69 -20.49 17.90
CA GLY A 343 -8.75 -20.79 18.83
C GLY A 343 -9.29 -22.20 18.73
N LYS A 344 -8.74 -23.00 17.83
CA LYS A 344 -9.01 -24.44 17.78
C LYS A 344 -8.29 -25.11 18.95
N SER A 345 -8.31 -26.44 18.97
CA SER A 345 -7.48 -27.17 19.92
C SER A 345 -6.20 -27.67 19.28
N GLU A 346 -5.93 -27.31 18.02
CA GLU A 346 -4.77 -27.82 17.31
C GLU A 346 -3.51 -27.12 17.80
N SER A 347 -2.55 -27.89 18.30
CA SER A 347 -1.26 -27.38 18.72
C SER A 347 -0.32 -27.32 17.51
N ILE A 348 0.14 -26.13 17.16
CA ILE A 348 0.95 -26.00 15.95
C ILE A 348 2.37 -25.61 16.33
N ASP A 349 3.32 -26.02 15.48
CA ASP A 349 4.73 -25.69 15.69
C ASP A 349 4.96 -24.25 15.33
N ILE A 350 5.67 -23.52 16.20
CA ILE A 350 6.07 -22.14 15.98
C ILE A 350 7.56 -22.13 15.66
N TYR A 351 7.92 -21.45 14.56
CA TYR A 351 9.29 -21.38 14.09
C TYR A 351 9.75 -19.93 14.05
N SER A 352 11.06 -19.74 13.94
CA SER A 352 11.61 -18.45 13.54
C SER A 352 12.78 -18.69 12.59
N ILE A 353 13.55 -17.63 12.34
CA ILE A 353 14.82 -17.71 11.60
C ILE A 353 15.92 -17.53 12.63
N ASP A 354 16.94 -18.38 12.57
CA ASP A 354 18.08 -18.27 13.46
C ASP A 354 19.18 -17.53 12.69
N ASN A 355 19.37 -16.25 13.01
CA ASN A 355 20.50 -15.46 12.54
C ASN A 355 20.88 -14.51 13.66
N GLU A 356 21.83 -13.63 13.39
CA GLU A 356 22.39 -12.79 14.44
C GLU A 356 21.34 -11.84 14.99
N MET A 357 20.44 -11.40 14.13
CA MET A 357 19.45 -10.39 14.51
C MET A 357 18.43 -10.97 15.48
N THR A 358 17.99 -12.21 15.24
CA THR A 358 16.99 -12.82 16.10
C THR A 358 17.60 -13.49 17.34
N ARG A 359 18.93 -13.55 17.45
CA ARG A 359 19.58 -14.14 18.62
C ARG A 359 19.68 -13.10 19.73
N LYS A 360 18.55 -12.91 20.43
CA LYS A 360 18.42 -11.87 21.44
C LYS A 360 18.12 -12.49 22.81
N SER A 361 18.43 -11.72 23.85
CA SER A 361 18.22 -12.12 25.25
C SER A 361 17.09 -11.29 25.84
N SER A 362 16.00 -11.95 26.22
CA SER A 362 14.82 -11.28 26.78
C SER A 362 14.38 -10.10 25.93
N GLY A 364 11.56 -9.88 27.09
CA GLY A 364 10.75 -10.09 28.28
C GLY A 364 10.47 -8.79 29.01
N LEU A 365 10.44 -8.85 30.33
CA LEU A 365 10.24 -7.62 31.10
C LEU A 365 11.47 -6.73 31.07
N GLU A 366 12.64 -7.27 30.72
CA GLU A 366 13.84 -6.43 30.60
C GLU A 366 13.69 -5.43 29.46
N ILE A 367 13.11 -5.86 28.33
CA ILE A 367 12.89 -4.91 27.24
C ILE A 367 11.92 -3.82 27.68
N ALA A 368 10.86 -4.19 28.40
CA ALA A 368 9.88 -3.21 28.83
C ALA A 368 10.51 -2.16 29.72
N ARG A 369 11.31 -2.61 30.70
CA ARG A 369 11.93 -1.71 31.67
C ARG A 369 12.99 -0.82 31.01
N ASN A 370 13.73 -1.37 30.05
CA ASN A 370 14.71 -0.58 29.29
C ASN A 370 14.05 0.59 28.57
N ILE A 371 12.99 0.31 27.80
CA ILE A 371 12.31 1.38 27.06
C ILE A 371 11.86 2.48 28.01
N GLY A 372 11.25 2.11 29.13
CA GLY A 372 10.72 3.12 30.03
C GLY A 372 11.82 3.97 30.66
N HIS A 373 12.90 3.31 31.10
CA HIS A 373 14.03 4.05 31.65
C HIS A 373 14.58 5.04 30.64
N TYR A 374 14.74 4.62 29.38
CA TYR A 374 15.28 5.50 28.36
C TYR A 374 14.32 6.67 28.09
N LEU A 375 13.03 6.37 27.92
CA LEU A 375 12.10 7.43 27.55
C LEU A 375 11.87 8.40 28.71
N GLU A 376 12.01 7.92 29.95
CA GLU A 376 11.91 8.81 31.11
C GLU A 376 12.94 9.94 31.06
N ARG A 377 14.11 9.70 30.44
CA ARG A 377 15.22 10.64 30.50
C ARG A 377 15.42 11.44 29.22
N VAL A 378 14.37 11.65 28.43
CA VAL A 378 14.48 12.48 27.22
C VAL A 378 13.26 13.40 27.05
N1 FAD B . 2.26 9.66 -25.60
C2 FAD B . 1.42 9.04 -26.51
O2 FAD B . 1.90 8.35 -27.41
N3 FAD B . 0.05 9.18 -26.41
C4 FAD B . -0.51 9.93 -25.39
O4 FAD B . -1.73 10.08 -25.30
C4X FAD B . 0.33 10.56 -24.50
N5 FAD B . -0.23 11.31 -23.49
C5X FAD B . 0.60 11.95 -22.58
C6 FAD B . 0.04 12.69 -21.57
C7 FAD B . 0.84 13.33 -20.63
C7M FAD B . 0.19 14.15 -19.55
C8 FAD B . 2.22 13.21 -20.71
C8M FAD B . 3.09 13.90 -19.71
C9 FAD B . 2.79 12.45 -21.73
C9A FAD B . 1.97 11.80 -22.66
N10 FAD B . 2.54 11.05 -23.67
C10 FAD B . 1.72 10.43 -24.58
C1' FAD B . 4.05 10.96 -23.73
C2' FAD B . 4.66 9.65 -23.28
O2' FAD B . 4.75 9.56 -21.88
C3' FAD B . 6.07 9.50 -23.89
O3' FAD B . 6.88 10.65 -23.71
C4' FAD B . 6.02 9.22 -25.38
O4' FAD B . 4.90 8.43 -25.70
C5' FAD B . 7.30 8.49 -25.77
O5' FAD B . 7.28 8.21 -27.15
P FAD B . 8.26 7.09 -27.81
O1P FAD B . 7.41 6.10 -28.58
O2P FAD B . 9.22 7.78 -28.77
O3P FAD B . 9.03 6.36 -26.72
CA CA C . 4.47 -29.64 18.04
CA CA D . 1.34 -3.39 20.79
#